data_2HU2
#
_entry.id   2HU2
#
_cell.length_a   89.310
_cell.length_b   89.310
_cell.length_c   162.720
_cell.angle_alpha   90.00
_cell.angle_beta   90.00
_cell.angle_gamma   120.00
#
_symmetry.space_group_name_H-M   'P 64 2 2'
#
loop_
_entity.id
_entity.type
_entity.pdbx_description
1 polymer 'C-terminal-binding protein 1'
2 polymer '9-mer peptide from Zinc finger protein 217'
3 non-polymer NICOTINAMIDE-ADENINE-DINUCLEOTIDE
4 non-polymer 'FORMIC ACID'
5 water water
#
loop_
_entity_poly.entity_id
_entity_poly.type
_entity_poly.pdbx_seq_one_letter_code
_entity_poly.pdbx_strand_id
1 'polypeptide(L)'
;MGHHHHHHMSGVRPPIMNGPMHPRPLVALLDGRDCTVEMPILKDVATVAFCDAQSTQEIHEKVLNEAVGALMYHTITLTR
EDLEKFKALRIIVRIGSGFDNIDIKSAGDLGIAVCNVPAASVEETADSTLCHILNLYRRTTWLHQALREGTRVQSVEQIR
EVASGAARIRGETLGIIGLGRVGQAVALRAKAFGFNVLFYDPYLSDGIERALGLQRVSTLQDLLFHSDCVTLHCGLNEHN
HHLINDFTVKQMRQGAFLVNTARGGLVDEKALAQALKEGRIRGAALDVHESEPFSFSQGPLKDAPNLICTPHAAWYSEQA
SIEMREEAAREIRRAITGRIPDSLKNCVNKDHLTAATH
;
A
2 'polypeptide(L)' RRTGAPPAL B
#
loop_
_chem_comp.id
_chem_comp.type
_chem_comp.name
_chem_comp.formula
FMT non-polymer 'FORMIC ACID' 'C H2 O2'
NAD non-polymer NICOTINAMIDE-ADENINE-DINUCLEOTIDE 'C21 H27 N7 O14 P2'
#
# COMPACT_ATOMS: atom_id res chain seq x y z
N PRO A 23 13.15 18.35 -33.15
CA PRO A 23 12.23 17.63 -32.28
C PRO A 23 12.93 17.03 -31.06
N ARG A 24 12.14 16.73 -30.01
CA ARG A 24 12.65 16.12 -28.78
C ARG A 24 11.64 15.11 -28.22
N PRO A 25 12.14 14.05 -27.54
CA PRO A 25 11.28 12.92 -27.16
C PRO A 25 10.02 13.33 -26.41
N LEU A 26 8.91 12.65 -26.69
CA LEU A 26 7.65 12.88 -26.01
C LEU A 26 7.56 12.02 -24.75
N VAL A 27 7.26 12.66 -23.63
CA VAL A 27 7.05 11.98 -22.35
C VAL A 27 5.68 12.38 -21.83
N ALA A 28 4.82 11.40 -21.59
CA ALA A 28 3.44 11.64 -21.21
C ALA A 28 3.10 11.15 -19.81
N LEU A 29 2.35 11.97 -19.07
CA LEU A 29 1.75 11.57 -17.81
C LEU A 29 0.43 10.89 -18.13
N LEU A 30 0.34 9.59 -17.89
CA LEU A 30 -0.79 8.78 -18.34
C LEU A 30 -2.09 9.03 -17.58
N ASP A 31 -2.02 8.98 -16.24
CA ASP A 31 -3.21 9.08 -15.41
C ASP A 31 -3.26 10.34 -14.52
N GLY A 32 -2.72 11.44 -15.03
CA GLY A 32 -2.73 12.71 -14.30
C GLY A 32 -2.88 13.92 -15.21
N ARG A 33 -3.05 15.09 -14.59
CA ARG A 33 -3.22 16.34 -15.32
C ARG A 33 -2.19 17.40 -14.92
N ASP A 34 -1.47 17.16 -13.83
CA ASP A 34 -0.52 18.13 -13.30
C ASP A 34 0.92 17.70 -13.54
N CYS A 35 1.70 18.60 -14.12
CA CYS A 35 3.11 18.35 -14.40
C CYS A 35 4.00 19.52 -13.97
N THR A 36 3.47 20.35 -13.06
CA THR A 36 4.14 21.57 -12.65
C THR A 36 5.48 21.31 -11.95
N VAL A 37 5.55 20.23 -11.19
CA VAL A 37 6.75 19.86 -10.44
C VAL A 37 7.81 19.24 -11.36
N GLU A 38 7.37 18.57 -12.42
CA GLU A 38 8.28 17.89 -13.35
C GLU A 38 8.82 18.82 -14.45
N MET A 39 8.09 19.92 -14.69
CA MET A 39 8.37 20.88 -15.77
C MET A 39 9.82 21.41 -15.79
N PRO A 40 10.34 21.94 -14.65
CA PRO A 40 11.68 22.50 -14.65
C PRO A 40 12.79 21.49 -14.88
N ILE A 41 12.48 20.21 -14.71
CA ILE A 41 13.49 19.16 -14.85
C ILE A 41 13.52 18.56 -16.27
N LEU A 42 12.44 18.75 -17.02
CA LEU A 42 12.30 18.10 -18.34
C LEU A 42 12.19 19.07 -19.52
N LYS A 43 11.94 20.35 -19.24
CA LYS A 43 11.67 21.39 -20.25
C LYS A 43 12.58 21.32 -21.49
N ASP A 44 13.88 21.13 -21.26
CA ASP A 44 14.89 21.22 -22.33
C ASP A 44 15.22 19.88 -22.99
N VAL A 45 14.75 18.79 -22.40
CA VAL A 45 15.11 17.45 -22.90
C VAL A 45 13.92 16.64 -23.43
N ALA A 46 12.71 17.05 -23.05
CA ALA A 46 11.52 16.29 -23.43
C ALA A 46 10.29 17.17 -23.70
N THR A 47 9.39 16.67 -24.54
CA THR A 47 8.10 17.30 -24.78
C THR A 47 7.11 16.72 -23.80
N VAL A 48 6.52 17.59 -22.98
CA VAL A 48 5.65 17.14 -21.89
C VAL A 48 4.16 17.27 -22.25
N ALA A 49 3.46 16.15 -22.16
CA ALA A 49 2.02 16.10 -22.37
C ALA A 49 1.38 15.27 -21.26
N PHE A 50 0.05 15.31 -21.17
CA PHE A 50 -0.68 14.47 -20.22
C PHE A 50 -2.01 13.98 -20.80
N CYS A 51 -2.45 12.83 -20.32
CA CYS A 51 -3.60 12.13 -20.88
C CYS A 51 -4.82 12.11 -19.94
N ASP A 52 -4.57 12.24 -18.64
CA ASP A 52 -5.60 12.18 -17.60
C ASP A 52 -6.54 10.98 -17.82
N ALA A 53 -5.93 9.82 -18.05
CA ALA A 53 -6.66 8.61 -18.45
C ALA A 53 -6.80 7.58 -17.34
N GLN A 54 -7.99 6.99 -17.23
CA GLN A 54 -8.23 5.89 -16.29
C GLN A 54 -7.81 4.55 -16.90
N SER A 55 -7.93 4.45 -18.22
CA SER A 55 -7.53 3.25 -18.95
C SER A 55 -6.77 3.60 -20.22
N THR A 56 -6.16 2.59 -20.84
CA THR A 56 -5.42 2.75 -22.10
C THR A 56 -6.30 3.20 -23.27
N GLN A 57 -7.62 3.14 -23.08
CA GLN A 57 -8.60 3.51 -24.10
C GLN A 57 -8.67 5.02 -24.32
N GLU A 58 -8.47 5.78 -23.24
CA GLU A 58 -8.58 7.24 -23.27
C GLU A 58 -7.29 7.92 -23.74
N ILE A 59 -6.25 7.14 -24.00
CA ILE A 59 -4.97 7.68 -24.46
C ILE A 59 -5.03 7.98 -25.95
N HIS A 60 -4.70 9.23 -26.29
CA HIS A 60 -4.70 9.73 -27.67
C HIS A 60 -3.78 8.90 -28.55
N GLU A 61 -4.21 8.65 -29.78
CA GLU A 61 -3.47 7.82 -30.73
C GLU A 61 -2.02 8.28 -30.92
N LYS A 62 -1.81 9.59 -30.90
CA LYS A 62 -0.48 10.19 -31.04
C LYS A 62 0.48 9.70 -29.95
N VAL A 63 0.02 9.69 -28.71
CA VAL A 63 0.84 9.29 -27.56
C VAL A 63 1.31 7.84 -27.70
N LEU A 64 0.41 6.96 -28.15
CA LEU A 64 0.74 5.55 -28.36
C LEU A 64 1.84 5.36 -29.41
N ASN A 65 1.83 6.21 -30.44
CA ASN A 65 2.80 6.13 -31.52
C ASN A 65 4.15 6.77 -31.20
N GLU A 66 4.09 7.98 -30.62
CA GLU A 66 5.26 8.84 -30.47
C GLU A 66 6.02 8.70 -29.15
N ALA A 67 5.29 8.53 -28.05
CA ALA A 67 5.86 8.59 -26.71
C ALA A 67 7.03 7.62 -26.47
N VAL A 68 8.13 8.17 -25.97
CA VAL A 68 9.31 7.40 -25.59
C VAL A 68 9.30 7.18 -24.08
N GLY A 69 8.87 8.19 -23.33
CA GLY A 69 8.79 8.12 -21.88
C GLY A 69 7.37 8.16 -21.37
N ALA A 70 7.16 7.59 -20.19
CA ALA A 70 5.85 7.60 -19.54
C ALA A 70 5.98 7.75 -18.02
N LEU A 71 5.15 8.62 -17.46
CA LEU A 71 5.03 8.77 -16.03
C LEU A 71 3.62 8.36 -15.63
N MET A 72 3.49 7.60 -14.55
CA MET A 72 2.18 7.10 -14.14
C MET A 72 2.07 6.87 -12.63
N TYR A 73 0.84 6.78 -12.16
CA TYR A 73 0.55 6.49 -10.76
C TYR A 73 -0.09 5.12 -10.64
N HIS A 74 -1.02 4.97 -9.70
CA HIS A 74 -1.62 3.66 -9.38
C HIS A 74 -3.00 3.45 -10.00
N THR A 75 -3.59 4.53 -10.54
CA THR A 75 -4.97 4.50 -11.02
C THR A 75 -5.14 3.87 -12.41
N ILE A 76 -4.03 3.62 -13.09
CA ILE A 76 -4.06 2.96 -14.39
C ILE A 76 -3.26 1.66 -14.38
N THR A 77 -3.89 0.59 -14.85
CA THR A 77 -3.23 -0.70 -14.98
C THR A 77 -2.70 -0.88 -16.40
N LEU A 78 -1.46 -1.35 -16.52
CA LEU A 78 -0.88 -1.67 -17.82
C LEU A 78 -0.64 -3.18 -17.95
N THR A 79 -1.49 -3.82 -18.74
CA THR A 79 -1.34 -5.25 -19.05
C THR A 79 -0.33 -5.42 -20.19
N ARG A 80 -0.20 -6.64 -20.71
CA ARG A 80 0.63 -6.88 -21.87
C ARG A 80 -0.02 -6.29 -23.14
N GLU A 81 -1.35 -6.35 -23.20
CA GLU A 81 -2.13 -5.75 -24.30
C GLU A 81 -1.82 -4.27 -24.48
N ASP A 82 -1.92 -3.51 -23.37
CA ASP A 82 -1.71 -2.06 -23.38
C ASP A 82 -0.31 -1.70 -23.83
N LEU A 83 0.67 -2.44 -23.32
CA LEU A 83 2.08 -2.15 -23.56
C LEU A 83 2.49 -2.27 -25.03
N GLU A 84 1.94 -3.28 -25.74
CA GLU A 84 2.27 -3.48 -27.14
C GLU A 84 1.40 -2.66 -28.12
N LYS A 85 0.78 -1.61 -27.59
CA LYS A 85 0.15 -0.57 -28.40
C LYS A 85 1.14 0.57 -28.56
N PHE A 86 2.02 0.73 -27.56
CA PHE A 86 3.12 1.68 -27.60
C PHE A 86 4.18 1.19 -28.59
N LYS A 87 4.64 2.11 -29.45
CA LYS A 87 5.60 1.77 -30.51
C LYS A 87 7.00 2.28 -30.21
N ALA A 88 7.09 3.42 -29.53
CA ALA A 88 8.37 4.07 -29.24
C ALA A 88 8.73 4.06 -27.76
N LEU A 89 7.84 3.55 -26.92
CA LEU A 89 8.03 3.53 -25.48
C LEU A 89 9.25 2.70 -25.06
N ARG A 90 10.11 3.33 -24.27
CA ARG A 90 11.34 2.71 -23.81
C ARG A 90 11.47 2.71 -22.29
N ILE A 91 10.75 3.63 -21.65
CA ILE A 91 10.81 3.81 -20.20
C ILE A 91 9.45 4.16 -19.57
N ILE A 92 9.10 3.43 -18.52
CA ILE A 92 7.97 3.76 -17.67
C ILE A 92 8.48 4.04 -16.25
N VAL A 93 8.12 5.19 -15.70
CA VAL A 93 8.46 5.50 -14.32
C VAL A 93 7.18 5.66 -13.49
N ARG A 94 7.07 4.85 -12.44
CA ARG A 94 5.95 4.94 -11.52
C ARG A 94 6.26 5.96 -10.43
N ILE A 95 5.43 7.00 -10.33
CA ILE A 95 5.57 8.02 -9.31
C ILE A 95 4.95 7.49 -8.02
N GLY A 96 5.79 6.83 -7.22
CA GLY A 96 5.35 6.12 -6.02
C GLY A 96 6.08 4.80 -5.86
N SER A 97 5.71 4.06 -4.82
CA SER A 97 6.42 2.84 -4.44
C SER A 97 6.02 1.61 -5.26
N GLY A 98 4.79 1.14 -5.09
CA GLY A 98 4.33 -0.12 -5.67
C GLY A 98 4.15 -0.10 -7.18
N PHE A 99 4.48 -1.21 -7.82
CA PHE A 99 4.41 -1.33 -9.28
C PHE A 99 3.67 -2.57 -9.75
N ASP A 100 2.75 -3.06 -8.90
CA ASP A 100 1.91 -4.22 -9.23
C ASP A 100 0.97 -3.97 -10.42
N ASN A 101 0.58 -2.71 -10.62
CA ASN A 101 -0.30 -2.34 -11.72
C ASN A 101 0.42 -2.26 -13.08
N ILE A 102 1.71 -2.58 -13.09
CA ILE A 102 2.48 -2.61 -14.32
C ILE A 102 3.01 -4.04 -14.52
N ASP A 103 2.65 -4.65 -15.65
CA ASP A 103 3.15 -5.97 -16.00
C ASP A 103 4.64 -5.83 -16.35
N ILE A 104 5.48 -5.94 -15.33
CA ILE A 104 6.92 -5.66 -15.49
C ILE A 104 7.65 -6.70 -16.35
N LYS A 105 7.20 -7.95 -16.29
CA LYS A 105 7.75 -9.04 -17.10
C LYS A 105 7.54 -8.76 -18.59
N SER A 106 6.30 -8.40 -18.94
CA SER A 106 5.91 -8.13 -20.32
C SER A 106 6.61 -6.91 -20.91
N ALA A 107 6.76 -5.87 -20.09
CA ALA A 107 7.46 -4.64 -20.49
C ALA A 107 8.93 -4.92 -20.80
N GLY A 108 9.52 -5.88 -20.07
CA GLY A 108 10.92 -6.29 -20.29
C GLY A 108 11.11 -7.02 -21.60
N ASP A 109 10.11 -7.84 -21.97
CA ASP A 109 10.12 -8.57 -23.25
C ASP A 109 10.13 -7.63 -24.44
N LEU A 110 9.37 -6.53 -24.32
CA LEU A 110 9.26 -5.53 -25.39
C LEU A 110 10.42 -4.54 -25.40
N GLY A 111 11.19 -4.50 -24.32
CA GLY A 111 12.35 -3.60 -24.21
C GLY A 111 12.08 -2.31 -23.45
N ILE A 112 11.00 -2.31 -22.67
CA ILE A 112 10.60 -1.14 -21.88
C ILE A 112 11.08 -1.26 -20.44
N ALA A 113 12.00 -0.38 -20.05
CA ALA A 113 12.48 -0.33 -18.68
C ALA A 113 11.42 0.26 -17.74
N VAL A 114 11.22 -0.39 -16.60
CA VAL A 114 10.26 0.09 -15.60
C VAL A 114 11.01 0.50 -14.34
N CYS A 115 10.71 1.71 -13.86
CA CYS A 115 11.31 2.26 -12.64
C CYS A 115 10.24 2.69 -11.65
N ASN A 116 10.61 2.77 -10.38
CA ASN A 116 9.73 3.30 -9.33
C ASN A 116 10.43 4.35 -8.46
N VAL A 117 9.71 4.89 -7.49
CA VAL A 117 10.28 5.77 -6.47
C VAL A 117 10.01 5.16 -5.09
N PRO A 118 10.99 4.40 -4.56
CA PRO A 118 10.73 3.60 -3.37
C PRO A 118 10.84 4.31 -2.02
N ALA A 119 11.61 5.39 -1.95
CA ALA A 119 12.03 5.95 -0.66
C ALA A 119 11.56 7.38 -0.41
N ALA A 120 10.33 7.70 -0.78
CA ALA A 120 9.84 9.07 -0.68
C ALA A 120 8.86 9.26 0.46
N SER A 121 8.00 8.26 0.65
CA SER A 121 6.94 8.33 1.66
C SER A 121 6.98 7.15 2.63
N VAL A 122 8.19 6.67 2.94
CA VAL A 122 8.36 5.54 3.85
C VAL A 122 7.82 5.86 5.24
N GLU A 123 8.29 6.97 5.82
CA GLU A 123 7.90 7.34 7.18
C GLU A 123 6.50 7.93 7.27
N GLU A 124 6.06 8.59 6.20
CA GLU A 124 4.67 9.05 6.06
C GLU A 124 3.71 7.87 6.19
N THR A 125 3.99 6.80 5.45
CA THR A 125 3.18 5.58 5.46
C THR A 125 3.21 4.88 6.82
N ALA A 126 4.39 4.83 7.43
CA ALA A 126 4.55 4.19 8.73
C ALA A 126 3.83 4.97 9.83
N ASP A 127 3.80 6.30 9.66
CA ASP A 127 3.11 7.19 10.60
C ASP A 127 1.60 7.04 10.50
N SER A 128 1.10 6.87 9.27
CA SER A 128 -0.33 6.66 9.04
C SER A 128 -0.76 5.27 9.51
N THR A 129 0.12 4.29 9.32
CA THR A 129 -0.13 2.92 9.76
C THR A 129 -0.25 2.87 11.29
N LEU A 130 0.69 3.50 11.98
CA LEU A 130 0.65 3.60 13.44
C LEU A 130 -0.59 4.32 13.92
N CYS A 131 -1.04 5.31 13.16
CA CYS A 131 -2.29 6.01 13.44
C CYS A 131 -3.47 5.04 13.33
N HIS A 132 -3.46 4.20 12.30
CA HIS A 132 -4.51 3.20 12.10
C HIS A 132 -4.55 2.17 13.23
N ILE A 133 -3.38 1.63 13.58
CA ILE A 133 -3.25 0.68 14.69
C ILE A 133 -3.86 1.28 15.96
N LEU A 134 -3.43 2.50 16.29
CA LEU A 134 -3.85 3.19 17.50
C LEU A 134 -5.33 3.55 17.50
N ASN A 135 -5.87 3.90 16.33
CA ASN A 135 -7.30 4.18 16.18
C ASN A 135 -8.17 2.98 16.51
N LEU A 136 -7.67 1.78 16.22
CA LEU A 136 -8.37 0.54 16.54
C LEU A 136 -8.28 0.24 18.02
N TYR A 137 -7.11 0.48 18.61
CA TYR A 137 -6.86 0.18 20.02
C TYR A 137 -7.50 1.18 20.98
N ARG A 138 -7.48 2.46 20.62
CA ARG A 138 -7.95 3.53 21.51
C ARG A 138 -9.31 4.11 21.11
N ARG A 139 -9.80 3.71 19.93
CA ARG A 139 -11.12 4.07 19.41
C ARG A 139 -11.33 5.57 19.19
N THR A 140 -10.23 6.29 18.93
CA THR A 140 -10.25 7.75 18.80
C THR A 140 -11.21 8.23 17.71
N THR A 141 -11.20 7.55 16.57
CA THR A 141 -12.04 7.90 15.43
C THR A 141 -13.51 7.60 15.71
N TRP A 142 -13.78 6.42 16.26
CA TRP A 142 -15.14 6.00 16.58
C TRP A 142 -15.76 6.80 17.72
N LEU A 143 -14.93 7.23 18.67
CA LEU A 143 -15.40 8.08 19.77
C LEU A 143 -15.74 9.48 19.26
N HIS A 144 -14.96 9.96 18.30
CA HIS A 144 -15.23 11.24 17.64
C HIS A 144 -16.51 11.14 16.80
N GLN A 145 -16.65 10.03 16.08
CA GLN A 145 -17.84 9.73 15.30
C GLN A 145 -19.09 9.70 16.19
N ALA A 146 -18.97 9.07 17.35
CA ALA A 146 -20.05 9.00 18.33
C ALA A 146 -20.44 10.40 18.80
N LEU A 147 -19.42 11.22 19.04
CA LEU A 147 -19.61 12.56 19.57
C LEU A 147 -20.18 13.50 18.49
N ARG A 148 -19.84 13.23 17.23
CA ARG A 148 -20.41 13.93 16.08
C ARG A 148 -21.90 13.68 15.99
N GLU A 149 -22.31 12.44 16.29
CA GLU A 149 -23.69 12.01 16.11
C GLU A 149 -24.56 12.21 17.36
N GLY A 150 -24.12 13.12 18.24
CA GLY A 150 -24.91 13.55 19.37
C GLY A 150 -25.06 12.56 20.52
N THR A 151 -24.07 11.70 20.72
CA THR A 151 -24.06 10.81 21.89
C THR A 151 -23.62 11.60 23.11
N ARG A 152 -24.45 11.60 24.15
CA ARG A 152 -24.13 12.30 25.39
C ARG A 152 -23.46 11.36 26.38
N VAL A 153 -22.28 11.75 26.86
CA VAL A 153 -21.50 10.93 27.80
C VAL A 153 -21.30 11.71 29.10
N GLN A 154 -22.03 11.33 30.15
CA GLN A 154 -21.99 12.04 31.44
C GLN A 154 -21.24 11.25 32.52
N SER A 155 -21.79 10.10 32.89
CA SER A 155 -21.21 9.26 33.94
C SER A 155 -20.03 8.43 33.43
N VAL A 156 -19.27 7.87 34.37
CA VAL A 156 -18.15 6.98 34.07
C VAL A 156 -18.64 5.69 33.43
N GLU A 157 -19.84 5.27 33.82
CA GLU A 157 -20.51 4.09 33.26
C GLU A 157 -20.66 4.20 31.74
N GLN A 158 -21.08 5.37 31.26
CA GLN A 158 -21.27 5.56 29.83
C GLN A 158 -19.98 5.90 29.07
N ILE A 159 -18.93 6.26 29.80
CA ILE A 159 -17.59 6.38 29.22
C ILE A 159 -17.10 4.98 28.83
N ARG A 160 -17.23 4.04 29.77
CA ARG A 160 -16.86 2.64 29.57
C ARG A 160 -17.70 1.98 28.49
N GLU A 161 -18.93 2.46 28.32
CA GLU A 161 -19.88 1.86 27.38
C GLU A 161 -19.58 2.29 25.94
N VAL A 162 -19.35 3.57 25.74
CA VAL A 162 -19.11 4.13 24.41
C VAL A 162 -17.71 3.79 23.91
N ALA A 163 -16.79 3.64 24.87
CA ALA A 163 -15.41 3.26 24.57
C ALA A 163 -15.16 1.78 24.87
N SER A 164 -16.23 0.99 24.84
CA SER A 164 -16.13 -0.45 25.09
C SER A 164 -15.27 -1.10 24.00
N GLY A 165 -14.26 -1.86 24.43
CA GLY A 165 -13.35 -2.52 23.49
C GLY A 165 -11.98 -1.87 23.41
N ALA A 166 -11.84 -0.68 24.00
CA ALA A 166 -10.56 0.00 24.09
C ALA A 166 -9.59 -0.85 24.92
N ALA A 167 -8.40 -1.07 24.40
CA ALA A 167 -7.49 -2.04 25.00
C ALA A 167 -6.12 -1.46 25.37
N ARG A 168 -5.51 -2.07 26.38
CA ARG A 168 -4.15 -1.75 26.80
C ARG A 168 -3.16 -2.33 25.81
N ILE A 169 -2.20 -1.53 25.37
CA ILE A 169 -1.25 -1.91 24.34
C ILE A 169 -0.10 -2.79 24.83
N ARG A 170 0.49 -2.44 25.97
CA ARG A 170 1.67 -3.14 26.47
C ARG A 170 1.40 -4.63 26.73
N GLY A 171 2.17 -5.48 26.05
CA GLY A 171 2.05 -6.92 26.19
C GLY A 171 1.37 -7.55 25.00
N GLU A 172 0.72 -6.72 24.18
CA GLU A 172 0.04 -7.20 22.98
C GLU A 172 1.05 -7.51 21.89
N THR A 173 0.69 -8.42 20.99
CA THR A 173 1.59 -8.85 19.93
C THR A 173 1.16 -8.26 18.59
N LEU A 174 2.04 -7.47 17.99
CA LEU A 174 1.81 -6.94 16.66
C LEU A 174 2.54 -7.79 15.63
N GLY A 175 1.78 -8.34 14.70
CA GLY A 175 2.34 -9.16 13.63
C GLY A 175 2.45 -8.36 12.35
N ILE A 176 3.67 -8.35 11.78
CA ILE A 176 3.95 -7.63 10.54
C ILE A 176 4.22 -8.62 9.41
N ILE A 177 3.47 -8.48 8.32
CA ILE A 177 3.68 -9.30 7.14
C ILE A 177 4.45 -8.50 6.10
N GLY A 178 5.73 -8.80 5.95
CA GLY A 178 6.60 -8.08 5.03
C GLY A 178 7.39 -7.01 5.74
N LEU A 179 8.65 -7.29 6.02
CA LEU A 179 9.51 -6.38 6.77
C LEU A 179 10.45 -5.65 5.81
N GLY A 180 9.87 -4.87 4.91
CA GLY A 180 10.64 -4.05 3.97
C GLY A 180 10.96 -2.69 4.56
N ARG A 181 10.80 -1.65 3.75
CA ARG A 181 11.05 -0.28 4.21
C ARG A 181 10.01 0.17 5.24
N VAL A 182 8.73 0.07 4.87
CA VAL A 182 7.64 0.53 5.73
C VAL A 182 7.51 -0.33 6.99
N GLY A 183 7.48 -1.64 6.80
CA GLY A 183 7.33 -2.60 7.91
C GLY A 183 8.40 -2.42 8.97
N GLN A 184 9.61 -2.11 8.52
CA GLN A 184 10.76 -1.89 9.39
C GLN A 184 10.57 -0.62 10.22
N ALA A 185 10.02 0.42 9.60
CA ALA A 185 9.75 1.68 10.28
C ALA A 185 8.58 1.56 11.25
N VAL A 186 7.61 0.73 10.89
CA VAL A 186 6.46 0.43 11.76
C VAL A 186 6.95 -0.34 13.00
N ALA A 187 7.84 -1.29 12.79
CA ALA A 187 8.43 -2.11 13.86
C ALA A 187 9.12 -1.26 14.91
N LEU A 188 9.94 -0.31 14.48
CA LEU A 188 10.67 0.57 15.40
C LEU A 188 9.74 1.44 16.24
N ARG A 189 8.70 1.97 15.59
CA ARG A 189 7.69 2.79 16.27
C ARG A 189 6.87 1.96 17.25
N ALA A 190 6.56 0.72 16.86
CA ALA A 190 5.76 -0.18 17.69
C ALA A 190 6.43 -0.55 19.02
N LYS A 191 7.77 -0.60 19.01
CA LYS A 191 8.54 -0.92 20.21
C LYS A 191 8.24 0.06 21.35
N ALA A 192 8.11 1.34 21.01
CA ALA A 192 7.94 2.41 21.99
C ALA A 192 6.62 2.30 22.75
N PHE A 193 5.61 1.67 22.14
CA PHE A 193 4.29 1.55 22.76
C PHE A 193 4.17 0.35 23.68
N GLY A 194 5.12 -0.58 23.57
CA GLY A 194 5.11 -1.80 24.38
C GLY A 194 4.60 -3.02 23.63
N PHE A 195 4.50 -2.89 22.30
CA PHE A 195 4.10 -4.00 21.46
C PHE A 195 5.21 -5.05 21.44
N ASN A 196 4.80 -6.31 21.52
CA ASN A 196 5.70 -7.41 21.25
C ASN A 196 5.67 -7.65 19.74
N VAL A 197 6.79 -7.35 19.08
CA VAL A 197 6.78 -7.31 17.61
C VAL A 197 7.42 -8.54 16.97
N LEU A 198 6.61 -9.25 16.18
CA LEU A 198 7.12 -10.33 15.34
C LEU A 198 6.75 -10.11 13.88
N PHE A 199 7.55 -10.69 12.98
CA PHE A 199 7.31 -10.52 11.55
C PHE A 199 7.43 -11.82 10.76
N TYR A 200 6.84 -11.81 9.58
CA TYR A 200 6.96 -12.90 8.62
C TYR A 200 7.38 -12.34 7.27
N ASP A 201 8.54 -12.77 6.78
CA ASP A 201 9.06 -12.34 5.49
C ASP A 201 9.92 -13.46 4.88
N PRO A 202 9.34 -14.24 3.96
CA PRO A 202 10.01 -15.41 3.37
C PRO A 202 11.11 -15.10 2.36
N TYR A 203 11.40 -13.82 2.12
CA TYR A 203 12.40 -13.43 1.13
C TYR A 203 13.67 -12.83 1.73
N LEU A 204 13.54 -12.20 2.90
CA LEU A 204 14.70 -11.68 3.63
C LEU A 204 15.59 -12.81 4.15
N SER A 205 16.90 -12.62 4.02
CA SER A 205 17.86 -13.61 4.52
C SER A 205 18.01 -13.54 6.05
N ASP A 206 18.61 -14.59 6.61
CA ASP A 206 18.76 -14.76 8.04
C ASP A 206 19.60 -13.64 8.65
N GLY A 207 19.12 -13.02 9.72
CA GLY A 207 19.90 -12.02 10.43
C GLY A 207 19.21 -10.70 10.72
N ILE A 208 18.22 -10.35 9.90
CA ILE A 208 17.50 -9.08 10.03
C ILE A 208 16.82 -8.98 11.40
N GLU A 209 16.25 -10.09 11.85
CA GLU A 209 15.55 -10.16 13.14
C GLU A 209 16.46 -9.88 14.34
N ARG A 210 17.74 -10.29 14.23
CA ARG A 210 18.72 -10.11 15.30
C ARG A 210 19.21 -8.68 15.35
N ALA A 211 19.45 -8.11 14.18
CA ALA A 211 19.94 -6.74 14.05
C ALA A 211 18.95 -5.71 14.59
N LEU A 212 17.66 -5.94 14.32
CA LEU A 212 16.59 -5.03 14.73
C LEU A 212 15.98 -5.40 16.08
N GLY A 213 16.31 -6.60 16.56
CA GLY A 213 15.82 -7.08 17.85
C GLY A 213 14.34 -7.41 17.80
N LEU A 214 13.95 -8.21 16.81
CA LEU A 214 12.55 -8.63 16.62
C LEU A 214 12.43 -10.14 16.52
N GLN A 215 11.31 -10.68 16.99
CA GLN A 215 11.00 -12.09 16.82
C GLN A 215 10.56 -12.36 15.38
N ARG A 216 10.98 -13.50 14.86
CA ARG A 216 10.67 -13.87 13.48
C ARG A 216 10.00 -15.25 13.44
N VAL A 217 8.98 -15.38 12.60
CA VAL A 217 8.31 -16.66 12.38
C VAL A 217 8.46 -17.07 10.91
N SER A 218 8.42 -18.38 10.66
CA SER A 218 8.73 -18.93 9.34
C SER A 218 7.53 -19.12 8.41
N THR A 219 6.33 -19.25 8.97
CA THR A 219 5.12 -19.41 8.15
C THR A 219 4.07 -18.35 8.45
N LEU A 220 3.20 -18.11 7.46
CA LEU A 220 2.12 -17.13 7.58
C LEU A 220 1.15 -17.50 8.69
N GLN A 221 0.90 -18.80 8.84
CA GLN A 221 -0.02 -19.29 9.86
C GLN A 221 0.53 -19.04 11.26
N ASP A 222 1.85 -19.16 11.40
CA ASP A 222 2.53 -18.90 12.67
C ASP A 222 2.35 -17.46 13.12
N LEU A 223 2.42 -16.52 12.19
CA LEU A 223 2.18 -15.12 12.49
C LEU A 223 0.72 -14.90 12.89
N LEU A 224 -0.18 -15.49 12.11
CA LEU A 224 -1.61 -15.36 12.33
C LEU A 224 -2.04 -15.94 13.67
N PHE A 225 -1.40 -17.04 14.07
CA PHE A 225 -1.70 -17.71 15.35
C PHE A 225 -1.31 -16.88 16.57
N HIS A 226 -0.25 -16.09 16.46
CA HIS A 226 0.33 -15.38 17.62
C HIS A 226 -0.03 -13.89 17.75
N SER A 227 -0.42 -13.26 16.64
CA SER A 227 -0.63 -11.82 16.62
C SER A 227 -2.02 -11.38 17.05
N ASP A 228 -2.09 -10.39 17.94
CA ASP A 228 -3.35 -9.77 18.34
C ASP A 228 -3.75 -8.70 17.33
N CYS A 229 -2.76 -8.14 16.65
CA CYS A 229 -2.98 -7.14 15.61
C CYS A 229 -2.08 -7.43 14.41
N VAL A 230 -2.69 -7.64 13.26
CA VAL A 230 -1.97 -8.01 12.05
C VAL A 230 -1.89 -6.82 11.09
N THR A 231 -0.67 -6.45 10.70
CA THR A 231 -0.47 -5.34 9.77
C THR A 231 0.30 -5.75 8.49
N LEU A 232 -0.16 -5.22 7.35
CA LEU A 232 0.34 -5.64 6.04
C LEU A 232 1.27 -4.62 5.40
N HIS A 233 2.45 -5.10 5.00
CA HIS A 233 3.49 -4.24 4.42
C HIS A 233 4.29 -4.92 3.33
N CYS A 234 3.63 -5.80 2.58
CA CYS A 234 4.27 -6.49 1.46
C CYS A 234 3.70 -6.01 0.13
N GLY A 235 4.53 -6.01 -0.90
CA GLY A 235 4.10 -5.66 -2.24
C GLY A 235 3.24 -6.76 -2.84
N LEU A 236 2.27 -6.38 -3.67
CA LEU A 236 1.41 -7.32 -4.36
C LEU A 236 2.16 -8.02 -5.48
N ASN A 237 2.23 -9.35 -5.42
CA ASN A 237 2.93 -10.16 -6.42
C ASN A 237 2.11 -11.35 -6.95
N GLU A 238 2.78 -12.29 -7.61
CA GLU A 238 2.15 -13.46 -8.22
C GLU A 238 1.57 -14.44 -7.18
N HIS A 239 2.19 -14.49 -6.01
CA HIS A 239 1.91 -15.55 -5.04
C HIS A 239 1.11 -15.12 -3.81
N ASN A 240 0.87 -13.82 -3.66
CA ASN A 240 0.23 -13.33 -2.44
C ASN A 240 -1.15 -12.67 -2.62
N HIS A 241 -1.70 -12.73 -3.84
CA HIS A 241 -3.06 -12.25 -4.08
C HIS A 241 -4.05 -12.99 -3.18
N HIS A 242 -4.95 -12.24 -2.55
CA HIS A 242 -5.90 -12.78 -1.56
C HIS A 242 -5.19 -13.60 -0.46
N LEU A 243 -4.08 -13.06 0.03
CA LEU A 243 -3.30 -13.64 1.12
C LEU A 243 -4.16 -13.87 2.37
N ILE A 244 -5.03 -12.91 2.65
CA ILE A 244 -6.01 -13.01 3.72
C ILE A 244 -7.35 -13.40 3.10
N ASN A 245 -7.62 -14.71 3.05
CA ASN A 245 -8.82 -15.25 2.40
C ASN A 245 -9.72 -15.98 3.40
N ASP A 246 -10.63 -16.81 2.91
CA ASP A 246 -11.55 -17.56 3.78
C ASP A 246 -10.83 -18.58 4.67
N PHE A 247 -9.75 -19.15 4.15
CA PHE A 247 -8.96 -20.14 4.87
C PHE A 247 -8.09 -19.45 5.92
N THR A 248 -7.32 -18.45 5.51
CA THR A 248 -6.34 -17.80 6.39
C THR A 248 -6.96 -16.88 7.46
N VAL A 249 -8.14 -16.33 7.19
CA VAL A 249 -8.88 -15.53 8.18
C VAL A 249 -9.18 -16.34 9.44
N LYS A 250 -9.45 -17.63 9.25
CA LYS A 250 -9.74 -18.53 10.37
C LYS A 250 -8.52 -18.75 11.27
N GLN A 251 -7.34 -18.64 10.69
CA GLN A 251 -6.07 -18.83 11.42
C GLN A 251 -5.72 -17.63 12.31
N MET A 252 -6.39 -16.51 12.06
CA MET A 252 -6.25 -15.30 12.88
C MET A 252 -6.94 -15.49 14.22
N ARG A 253 -6.45 -14.81 15.25
CA ARG A 253 -6.98 -14.96 16.60
C ARG A 253 -8.38 -14.37 16.72
N GLN A 254 -9.14 -14.87 17.70
CA GLN A 254 -10.49 -14.38 17.97
C GLN A 254 -10.46 -12.94 18.47
N GLY A 255 -10.98 -12.02 17.67
CA GLY A 255 -11.05 -10.62 18.04
C GLY A 255 -9.77 -9.87 17.75
N ALA A 256 -9.07 -10.29 16.69
CA ALA A 256 -7.84 -9.67 16.25
C ALA A 256 -8.13 -8.45 15.37
N PHE A 257 -7.17 -7.51 15.33
CA PHE A 257 -7.27 -6.34 14.48
C PHE A 257 -6.54 -6.58 13.17
N LEU A 258 -7.06 -5.98 12.09
CA LEU A 258 -6.38 -6.03 10.80
C LEU A 258 -6.11 -4.64 10.26
N VAL A 259 -4.85 -4.37 9.93
CA VAL A 259 -4.45 -3.12 9.29
C VAL A 259 -3.84 -3.44 7.93
N ASN A 260 -4.30 -2.73 6.90
CA ASN A 260 -3.80 -2.90 5.54
C ASN A 260 -3.55 -1.57 4.83
N THR A 261 -2.28 -1.18 4.76
CA THR A 261 -1.87 0.03 4.05
C THR A 261 -0.92 -0.35 2.91
N ALA A 262 -0.89 -1.64 2.58
CA ALA A 262 -0.04 -2.12 1.52
C ALA A 262 -0.79 -2.13 0.19
N ARG A 263 -1.48 -3.23 -0.09
CA ARG A 263 -2.29 -3.35 -1.31
C ARG A 263 -3.65 -3.97 -1.02
N GLY A 264 -4.67 -3.49 -1.72
CA GLY A 264 -6.04 -3.96 -1.52
C GLY A 264 -6.26 -5.37 -2.01
N GLY A 265 -5.53 -5.77 -3.05
CA GLY A 265 -5.63 -7.11 -3.63
C GLY A 265 -5.07 -8.21 -2.75
N LEU A 266 -4.63 -7.83 -1.54
CA LEU A 266 -4.06 -8.78 -0.58
C LEU A 266 -5.12 -9.36 0.34
N VAL A 267 -6.24 -8.65 0.50
CA VAL A 267 -7.32 -9.06 1.40
C VAL A 267 -8.61 -9.34 0.64
N ASP A 268 -9.20 -10.50 0.90
CA ASP A 268 -10.54 -10.85 0.43
C ASP A 268 -11.57 -10.04 1.22
N GLU A 269 -12.21 -9.08 0.55
CA GLU A 269 -13.14 -8.18 1.23
C GLU A 269 -14.43 -8.88 1.65
N LYS A 270 -14.81 -9.93 0.92
CA LYS A 270 -15.96 -10.75 1.28
C LYS A 270 -15.71 -11.51 2.58
N ALA A 271 -14.50 -12.08 2.70
CA ALA A 271 -14.08 -12.81 3.90
C ALA A 271 -13.92 -11.86 5.09
N LEU A 272 -13.38 -10.67 4.83
CA LEU A 272 -13.19 -9.68 5.88
C LEU A 272 -14.54 -9.19 6.42
N ALA A 273 -15.46 -8.90 5.52
CA ALA A 273 -16.80 -8.43 5.90
C ALA A 273 -17.47 -9.43 6.84
N GLN A 274 -17.53 -10.69 6.39
CA GLN A 274 -18.11 -11.78 7.17
C GLN A 274 -17.47 -11.89 8.56
N ALA A 275 -16.14 -11.79 8.60
CA ALA A 275 -15.38 -11.87 9.85
C ALA A 275 -15.69 -10.72 10.81
N LEU A 276 -15.89 -9.52 10.25
CA LEU A 276 -16.19 -8.33 11.03
C LEU A 276 -17.58 -8.35 11.66
N LYS A 277 -18.55 -8.86 10.90
CA LYS A 277 -19.93 -8.96 11.38
C LYS A 277 -20.07 -9.99 12.50
N GLU A 278 -19.47 -11.16 12.29
CA GLU A 278 -19.51 -12.27 13.26
C GLU A 278 -18.72 -11.97 14.53
N GLY A 279 -17.66 -11.19 14.40
CA GLY A 279 -16.86 -10.76 15.55
C GLY A 279 -15.50 -11.45 15.65
N ARG A 280 -15.17 -12.26 14.64
CA ARG A 280 -13.89 -12.95 14.58
C ARG A 280 -12.72 -11.97 14.37
N ILE A 281 -13.00 -10.89 13.65
CA ILE A 281 -12.09 -9.74 13.61
C ILE A 281 -12.78 -8.55 14.29
N ARG A 282 -12.18 -8.06 15.37
CA ARG A 282 -12.77 -7.00 16.19
C ARG A 282 -12.83 -5.64 15.50
N GLY A 283 -11.90 -5.40 14.58
CA GLY A 283 -11.84 -4.14 13.83
C GLY A 283 -10.80 -4.14 12.73
N ALA A 284 -11.05 -3.34 11.69
CA ALA A 284 -10.12 -3.24 10.56
C ALA A 284 -9.90 -1.80 10.14
N ALA A 285 -8.65 -1.51 9.75
CA ALA A 285 -8.29 -0.19 9.23
C ALA A 285 -7.66 -0.32 7.86
N LEU A 286 -8.32 0.26 6.85
CA LEU A 286 -7.90 0.08 5.46
C LEU A 286 -7.61 1.42 4.78
N ASP A 287 -6.45 1.49 4.14
CA ASP A 287 -6.12 2.64 3.30
C ASP A 287 -6.21 2.21 1.85
N VAL A 288 -6.01 0.92 1.63
CA VAL A 288 -6.07 0.32 0.30
C VAL A 288 -7.22 -0.68 0.23
N HIS A 289 -7.85 -0.76 -0.95
CA HIS A 289 -8.99 -1.66 -1.15
C HIS A 289 -8.89 -2.32 -2.52
N GLU A 290 -9.58 -3.45 -2.69
CA GLU A 290 -9.57 -4.22 -3.93
C GLU A 290 -9.98 -3.40 -5.16
N SER A 291 -11.07 -2.64 -5.00
CA SER A 291 -11.57 -1.78 -6.06
C SER A 291 -11.58 -0.32 -5.60
N GLU A 292 -10.74 0.49 -6.24
CA GLU A 292 -10.62 1.90 -5.90
C GLU A 292 -11.16 2.77 -7.04
N PRO A 293 -11.86 3.88 -6.71
CA PRO A 293 -12.11 4.47 -5.39
C PRO A 293 -13.03 3.64 -4.52
N PHE A 294 -12.82 3.71 -3.21
CA PHE A 294 -13.65 3.00 -2.24
C PHE A 294 -14.90 3.78 -1.88
N SER A 295 -16.00 3.05 -1.67
CA SER A 295 -17.22 3.63 -1.11
C SER A 295 -17.86 2.71 -0.06
N PHE A 296 -18.46 3.33 0.96
CA PHE A 296 -19.17 2.59 2.00
C PHE A 296 -20.52 2.02 1.52
N SER A 297 -20.86 2.29 0.26
CA SER A 297 -22.10 1.83 -0.36
C SER A 297 -21.84 0.74 -1.41
N GLN A 298 -20.65 0.77 -2.02
CA GLN A 298 -20.30 -0.14 -3.11
C GLN A 298 -19.30 -1.21 -2.64
N GLY A 299 -19.58 -2.46 -3.02
CA GLY A 299 -18.65 -3.56 -2.75
C GLY A 299 -19.02 -4.42 -1.56
N PRO A 300 -18.20 -5.45 -1.26
CA PRO A 300 -18.45 -6.44 -0.20
C PRO A 300 -18.41 -5.87 1.22
N LEU A 301 -17.68 -4.78 1.40
CA LEU A 301 -17.58 -4.14 2.71
C LEU A 301 -18.77 -3.21 2.99
N LYS A 302 -19.84 -3.39 2.19
CA LYS A 302 -21.08 -2.64 2.33
C LYS A 302 -21.57 -2.66 3.78
N ASP A 303 -21.17 -1.62 4.51
CA ASP A 303 -21.48 -1.46 5.94
C ASP A 303 -21.27 -2.71 6.82
N ALA A 304 -20.00 -3.12 6.94
CA ALA A 304 -19.57 -4.05 7.96
C ALA A 304 -19.22 -3.24 9.22
N PRO A 305 -19.57 -3.74 10.42
CA PRO A 305 -19.25 -2.99 11.64
C PRO A 305 -17.75 -2.85 11.91
N ASN A 306 -17.39 -1.88 12.73
CA ASN A 306 -16.00 -1.62 13.14
C ASN A 306 -14.99 -1.59 11.98
N LEU A 307 -15.24 -0.69 11.03
CA LEU A 307 -14.35 -0.50 9.87
C LEU A 307 -13.92 0.96 9.77
N ILE A 308 -12.61 1.18 9.65
CA ILE A 308 -12.08 2.52 9.41
C ILE A 308 -11.39 2.55 8.06
N CYS A 309 -11.79 3.49 7.20
CA CYS A 309 -11.23 3.58 5.86
C CYS A 309 -10.69 4.96 5.49
N THR A 310 -9.52 4.97 4.86
CA THR A 310 -8.91 6.18 4.31
C THR A 310 -8.65 5.92 2.81
N PRO A 311 -8.77 6.96 1.96
CA PRO A 311 -8.71 6.74 0.51
C PRO A 311 -7.31 6.81 -0.10
N HIS A 312 -6.53 5.75 0.11
CA HIS A 312 -5.15 5.63 -0.42
C HIS A 312 -4.28 6.86 -0.14
N ALA A 313 -4.34 7.35 1.10
CA ALA A 313 -3.71 8.61 1.49
C ALA A 313 -2.67 8.47 2.60
N ALA A 314 -2.15 7.25 2.80
CA ALA A 314 -1.18 6.99 3.85
C ALA A 314 0.19 7.56 3.50
N TRP A 315 0.48 7.59 2.20
CA TRP A 315 1.73 8.10 1.66
C TRP A 315 1.82 9.62 1.69
N TYR A 316 0.67 10.29 1.67
CA TYR A 316 0.66 11.72 1.36
C TYR A 316 1.25 12.68 2.41
N SER A 317 2.08 13.58 1.88
CA SER A 317 2.51 14.82 2.53
C SER A 317 3.10 15.65 1.40
N GLU A 318 3.00 16.97 1.49
CA GLU A 318 3.47 17.86 0.41
C GLU A 318 4.93 17.58 0.04
N GLN A 319 5.77 17.39 1.06
CA GLN A 319 7.19 17.12 0.87
C GLN A 319 7.40 15.81 0.13
N ALA A 320 6.69 14.77 0.56
CA ALA A 320 6.78 13.45 -0.07
C ALA A 320 6.29 13.47 -1.51
N SER A 321 5.20 14.20 -1.74
CA SER A 321 4.62 14.34 -3.08
C SER A 321 5.57 15.04 -4.04
N ILE A 322 6.21 16.11 -3.59
CA ILE A 322 7.20 16.83 -4.39
C ILE A 322 8.44 15.97 -4.57
N GLU A 323 8.85 15.31 -3.49
CA GLU A 323 10.07 14.48 -3.46
C GLU A 323 10.04 13.40 -4.53
N MET A 324 8.95 12.64 -4.60
CA MET A 324 8.83 11.53 -5.54
C MET A 324 8.67 12.00 -6.99
N ARG A 325 8.02 13.15 -7.17
CA ARG A 325 7.79 13.71 -8.50
C ARG A 325 9.09 14.22 -9.11
N GLU A 326 9.95 14.80 -8.29
CA GLU A 326 11.25 15.28 -8.74
C GLU A 326 12.18 14.13 -9.08
N GLU A 327 12.19 13.09 -8.24
CA GLU A 327 12.97 11.87 -8.48
C GLU A 327 12.50 11.16 -9.76
N ALA A 328 11.18 11.00 -9.90
CA ALA A 328 10.59 10.42 -11.10
C ALA A 328 11.01 11.21 -12.36
N ALA A 329 10.93 12.54 -12.28
CA ALA A 329 11.32 13.40 -13.39
C ALA A 329 12.81 13.25 -13.72
N ARG A 330 13.63 13.05 -12.69
CA ARG A 330 15.05 12.84 -12.87
C ARG A 330 15.35 11.49 -13.50
N GLU A 331 14.53 10.50 -13.18
CA GLU A 331 14.67 9.17 -13.78
C GLU A 331 14.39 9.23 -15.29
N ILE A 332 13.39 10.02 -15.67
CA ILE A 332 13.06 10.23 -17.07
C ILE A 332 14.26 10.86 -17.81
N ARG A 333 14.82 11.91 -17.23
CA ARG A 333 15.95 12.62 -17.81
C ARG A 333 17.18 11.71 -17.99
N ARG A 334 17.44 10.87 -16.98
CA ARG A 334 18.54 9.90 -17.04
C ARG A 334 18.36 8.90 -18.18
N ALA A 335 17.10 8.58 -18.47
CA ALA A 335 16.75 7.66 -19.56
C ALA A 335 17.02 8.27 -20.94
N ILE A 336 16.63 9.52 -21.12
CA ILE A 336 16.76 10.21 -22.41
C ILE A 336 18.21 10.58 -22.72
N THR A 337 18.93 11.09 -21.73
CA THR A 337 20.31 11.55 -21.94
C THR A 337 21.32 10.40 -21.90
N GLY A 338 21.20 9.53 -20.90
CA GLY A 338 22.15 8.43 -20.70
C GLY A 338 21.75 7.11 -21.34
N ARG A 339 22.12 6.00 -20.69
CA ARG A 339 21.90 4.65 -21.20
C ARG A 339 20.85 3.86 -20.42
N ILE A 340 19.99 3.15 -21.16
CA ILE A 340 19.05 2.18 -20.60
C ILE A 340 19.73 0.80 -20.60
N PRO A 341 19.70 0.10 -19.45
CA PRO A 341 19.18 0.52 -18.15
C PRO A 341 20.27 0.99 -17.18
N ASP A 342 21.42 1.41 -17.71
CA ASP A 342 22.58 1.75 -16.88
C ASP A 342 22.40 3.05 -16.09
N SER A 343 22.09 4.13 -16.79
CA SER A 343 21.94 5.46 -16.18
C SER A 343 20.78 5.51 -15.18
N LEU A 344 19.85 4.56 -15.29
CA LEU A 344 18.71 4.47 -14.38
C LEU A 344 19.15 4.15 -12.95
N LYS A 345 18.35 4.60 -11.99
CA LYS A 345 18.70 4.47 -10.58
C LYS A 345 17.84 3.44 -9.86
N ASN A 346 16.54 3.45 -10.14
CA ASN A 346 15.59 2.57 -9.48
C ASN A 346 14.80 1.69 -10.45
N CYS A 347 15.53 1.00 -11.32
CA CYS A 347 14.93 0.06 -12.28
C CYS A 347 14.56 -1.24 -11.60
N VAL A 348 13.35 -1.73 -11.85
CA VAL A 348 12.84 -2.92 -11.18
C VAL A 348 12.64 -4.13 -12.10
N ASN A 349 13.09 -4.01 -13.35
CA ASN A 349 13.00 -5.11 -14.31
C ASN A 349 14.26 -5.25 -15.17
N LYS A 350 15.43 -5.19 -14.52
CA LYS A 350 16.71 -5.44 -15.18
C LYS A 350 16.80 -6.88 -15.70
N ASP A 351 16.19 -7.80 -14.94
CA ASP A 351 16.23 -9.22 -15.23
C ASP A 351 15.35 -9.63 -16.41
N HIS A 352 14.39 -8.78 -16.77
CA HIS A 352 13.45 -9.11 -17.84
C HIS A 352 13.82 -8.49 -19.19
N LEU A 353 14.82 -7.60 -19.19
CA LEU A 353 15.27 -6.92 -20.41
C LEU A 353 16.11 -7.83 -21.30
N ARG B 1 -4.71 -13.90 27.63
CA ARG B 1 -4.71 -12.48 27.19
C ARG B 1 -6.09 -12.03 26.69
N ARG B 2 -6.13 -10.87 26.05
CA ARG B 2 -7.38 -10.27 25.56
C ARG B 2 -8.04 -11.10 24.45
N THR B 3 -7.28 -11.43 23.41
CA THR B 3 -7.79 -12.22 22.29
C THR B 3 -7.76 -13.72 22.59
N GLY B 4 -8.65 -14.46 21.93
CA GLY B 4 -8.74 -15.91 22.11
C GLY B 4 -8.12 -16.68 20.97
N ALA B 5 -8.14 -18.01 21.09
CA ALA B 5 -7.57 -18.91 20.09
C ALA B 5 -8.34 -18.85 18.77
N PRO B 6 -7.63 -19.00 17.63
CA PRO B 6 -8.24 -19.03 16.29
C PRO B 6 -9.38 -20.07 16.16
N PRO B 7 -10.46 -19.72 15.43
CA PRO B 7 -11.60 -20.60 15.16
C PRO B 7 -11.22 -22.02 14.73
N ALA B 8 -10.25 -22.14 13.82
CA ALA B 8 -9.75 -23.43 13.36
C ALA B 8 -8.23 -23.43 13.24
N LEU B 9 -7.58 -24.35 13.97
CA LEU B 9 -6.12 -24.45 13.98
C LEU B 9 -5.65 -25.86 13.66
PA NAD C . 9.54 -3.10 0.38
O1A NAD C . 9.98 -3.77 -0.87
O2A NAD C . 10.70 -2.50 1.09
O5B NAD C . 8.75 -4.15 1.30
C5B NAD C . 8.20 -5.33 0.76
C4B NAD C . 8.73 -6.53 1.54
O4B NAD C . 7.71 -7.51 1.68
C3B NAD C . 9.91 -7.19 0.83
O3B NAD C . 11.03 -7.17 1.70
C2B NAD C . 9.47 -8.63 0.56
O2B NAD C . 10.47 -9.56 0.92
C1B NAD C . 8.23 -8.80 1.44
N9A NAD C . 7.21 -9.69 0.83
C8A NAD C . 6.89 -9.81 -0.50
N7A NAD C . 5.90 -10.71 -0.64
C5A NAD C . 5.58 -11.17 0.58
C6A NAD C . 4.63 -12.10 1.01
N6A NAD C . 4.05 -12.91 0.13
N1A NAD C . 4.51 -12.39 2.36
C2A NAD C . 5.33 -11.75 3.27
N3A NAD C . 6.27 -10.82 2.84
C4A NAD C . 6.39 -10.54 1.52
O3 NAD C . 8.47 -1.94 0.03
PN NAD C . 7.67 -1.13 1.16
O1N NAD C . 8.29 -1.34 2.49
O2N NAD C . 7.47 0.25 0.68
O5D NAD C . 6.27 -1.91 1.13
C5D NAD C . 5.06 -1.23 1.37
C4D NAD C . 4.02 -1.63 0.33
O4D NAD C . 2.85 -0.91 0.61
C3D NAD C . 4.47 -1.28 -1.07
O3D NAD C . 4.72 -2.45 -1.82
C2D NAD C . 3.33 -0.48 -1.68
O2D NAD C . 2.64 -1.26 -2.64
C1D NAD C . 2.41 -0.17 -0.52
N1N NAD C . 2.38 1.26 -0.19
C2N NAD C . 1.15 1.88 -0.16
C3N NAD C . 1.03 3.23 0.15
C7N NAD C . -0.30 3.74 0.63
O7N NAD C . -0.68 5.07 0.29
N7N NAD C . -1.10 2.94 1.36
C4N NAD C . 2.18 3.96 0.42
C5N NAD C . 3.43 3.34 0.40
C6N NAD C . 3.51 1.98 0.10
C FMT D . 0.48 7.64 -5.36
O1 FMT D . 1.58 8.08 -5.70
O2 FMT D . 0.24 6.44 -5.21
#